data_5ZWY
#
_entry.id   5ZWY
#
_cell.length_a   100.253
_cell.length_b   100.253
_cell.length_c   126.771
_cell.angle_alpha   90.00
_cell.angle_beta   90.00
_cell.angle_gamma   120.00
#
_symmetry.space_group_name_H-M   'P 61'
#
loop_
_entity.id
_entity.type
_entity.pdbx_description
1 polymer Ribokinase
2 non-polymer GLYCEROL
3 non-polymer 'SODIUM ION'
4 non-polymer 'CHLORIDE ION'
5 water water
#
_entity_poly.entity_id   1
_entity_poly.type   'polypeptide(L)'
_entity_poly.pdbx_seq_one_letter_code
;MGSSHHHHHHSSGLVPRGSHMHRARNVRSHTGEYAPDILVVGSCFLDYVGYVDHMPQVGETMHSVSFHKGFGGKGANQAV
AAGRLGAKVAMVSMVGTDGDGSDYIKELERNGVDTAYMFRTGKSSTGLAMILVDTKSSNNEIVICPNATNHFTPELLRAQ
TNNYERILHTGLKYLICQNEIPLPTTLDTIKEAHSRGVYTVFNSAPAPKPAEVEQIKPFLPYVSLFCPNEVEATLITGVK
VTDTESAFSAIKALQQLGVRDVVITLGAAGFVLSENGAEPVHVTGKHVKAVDTTGAGDCFVGSMVYFMSRGRNLLEACKR
ANECAAISVTRKGTQLSYPHPSELPAGVM
;
_entity_poly.pdbx_strand_id   A,B
#
# COMPACT_ATOMS: atom_id res chain seq x y z
N ARG A 23 14.37 -10.45 13.15
CA ARG A 23 15.13 -9.73 12.10
C ARG A 23 14.91 -10.47 10.76
N ALA A 24 14.36 -9.75 9.78
CA ALA A 24 14.26 -10.24 8.40
C ALA A 24 15.65 -10.10 7.72
N ARG A 25 16.36 -9.01 8.08
CA ARG A 25 17.62 -8.62 7.47
C ARG A 25 18.71 -9.62 7.81
N ASN A 26 19.68 -9.74 6.90
CA ASN A 26 20.93 -10.44 7.17
C ASN A 26 21.68 -9.72 8.30
N VAL A 27 22.66 -10.45 8.85
CA VAL A 27 23.57 -9.95 9.89
C VAL A 27 25.01 -10.11 9.37
N ARG A 28 25.86 -9.08 9.51
CA ARG A 28 27.26 -9.19 9.08
C ARG A 28 28.00 -10.00 10.15
N SER A 29 29.15 -10.60 9.79
CA SER A 29 29.97 -11.31 10.81
C SER A 29 31.04 -10.36 11.36
N HIS A 30 31.71 -10.71 12.47
CA HIS A 30 32.80 -9.88 13.03
C HIS A 30 33.99 -9.86 12.07
N THR A 31 34.21 -10.98 11.38
CA THR A 31 35.37 -11.22 10.52
C THR A 31 35.17 -10.65 9.11
N GLY A 32 33.94 -10.26 8.77
CA GLY A 32 33.60 -9.77 7.42
C GLY A 32 33.70 -10.84 6.35
N GLU A 33 33.42 -12.10 6.69
CA GLU A 33 33.60 -13.22 5.73
C GLU A 33 32.49 -13.26 4.66
N TYR A 34 31.40 -12.48 4.79
CA TYR A 34 30.35 -12.39 3.76
C TYR A 34 30.26 -10.96 3.20
N ALA A 35 31.31 -10.14 3.39
CA ALA A 35 31.34 -8.76 2.88
C ALA A 35 31.18 -8.75 1.36
N PRO A 36 30.39 -7.83 0.79
CA PRO A 36 30.05 -7.89 -0.62
C PRO A 36 31.19 -7.42 -1.54
N ASP A 37 31.13 -7.83 -2.80
CA ASP A 37 31.99 -7.34 -3.88
C ASP A 37 31.35 -6.08 -4.49
N ILE A 38 30.00 -6.04 -4.51
CA ILE A 38 29.26 -4.93 -5.10
C ILE A 38 28.31 -4.35 -4.04
N LEU A 39 28.40 -3.03 -3.84
CA LEU A 39 27.48 -2.24 -2.99
C LEU A 39 26.57 -1.38 -3.87
N VAL A 40 25.27 -1.49 -3.63
CA VAL A 40 24.33 -0.63 -4.28
C VAL A 40 23.72 0.29 -3.20
N VAL A 41 23.88 1.59 -3.41
CA VAL A 41 23.32 2.57 -2.50
C VAL A 41 22.25 3.34 -3.26
N GLY A 42 20.99 3.03 -2.99
CA GLY A 42 19.88 3.61 -3.74
C GLY A 42 18.52 3.22 -3.19
N SER A 43 17.52 3.24 -4.07
CA SER A 43 16.15 3.24 -3.73
C SER A 43 15.55 1.84 -3.76
N CYS A 44 14.57 1.66 -2.88
CA CYS A 44 13.68 0.49 -2.91
C CYS A 44 12.24 1.03 -2.85
N PHE A 45 11.46 0.79 -3.90
CA PHE A 45 10.08 1.19 -3.98
C PHE A 45 9.23 -0.04 -4.32
N LEU A 46 8.14 -0.28 -3.57
CA LEU A 46 7.11 -1.23 -3.99
C LEU A 46 6.28 -0.59 -5.12
N ASP A 47 5.87 -1.40 -6.08
CA ASP A 47 4.97 -0.94 -7.16
C ASP A 47 3.56 -1.50 -6.94
N TYR A 48 2.63 -0.60 -6.63
CA TYR A 48 1.23 -0.93 -6.41
C TYR A 48 0.49 -0.61 -7.71
N VAL A 49 0.16 -1.65 -8.47
CA VAL A 49 -0.36 -1.44 -9.84
C VAL A 49 -1.83 -1.84 -9.87
N GLY A 50 -2.68 -0.83 -10.05
CA GLY A 50 -4.11 -1.03 -10.23
C GLY A 50 -4.46 -0.92 -11.71
N TYR A 51 -4.99 -2.00 -12.28
CA TYR A 51 -5.48 -2.04 -13.67
C TYR A 51 -6.93 -1.60 -13.63
N VAL A 52 -7.25 -0.59 -14.44
CA VAL A 52 -8.55 0.06 -14.39
C VAL A 52 -9.14 0.09 -15.82
N ASP A 53 -10.48 0.11 -15.91
CA ASP A 53 -11.21 0.25 -17.20
C ASP A 53 -11.20 1.70 -17.71
N HIS A 54 -10.92 2.67 -16.84
CA HIS A 54 -10.67 4.07 -17.20
C HIS A 54 -9.98 4.75 -16.02
N MET A 55 -9.34 5.88 -16.28
CA MET A 55 -8.73 6.66 -15.25
C MET A 55 -9.81 7.29 -14.37
N PRO A 56 -9.57 7.39 -13.04
CA PRO A 56 -10.55 8.02 -12.18
C PRO A 56 -10.62 9.52 -12.54
N GLN A 57 -11.84 10.06 -12.52
CA GLN A 57 -12.07 11.49 -12.61
C GLN A 57 -12.08 12.04 -11.18
N VAL A 58 -12.04 13.37 -11.06
CA VAL A 58 -12.01 14.02 -9.77
C VAL A 58 -13.27 13.61 -8.99
N GLY A 59 -13.11 13.15 -7.75
CA GLY A 59 -14.23 12.76 -6.86
C GLY A 59 -14.69 11.31 -7.02
N GLU A 60 -14.18 10.60 -8.04
CA GLU A 60 -14.63 9.22 -8.36
C GLU A 60 -14.01 8.21 -7.38
N THR A 61 -14.85 7.32 -6.85
CA THR A 61 -14.44 6.04 -6.27
C THR A 61 -14.77 4.91 -7.27
N MET A 62 -13.75 4.17 -7.72
CA MET A 62 -13.96 3.05 -8.63
C MET A 62 -13.21 1.81 -8.10
N HIS A 63 -13.46 0.66 -8.72
CA HIS A 63 -12.71 -0.57 -8.46
C HIS A 63 -11.74 -0.88 -9.60
N SER A 64 -10.66 -1.59 -9.27
CA SER A 64 -9.74 -2.09 -10.23
C SER A 64 -10.36 -3.33 -10.87
N VAL A 65 -9.86 -3.68 -12.04
CA VAL A 65 -10.24 -4.95 -12.67
C VAL A 65 -9.19 -6.01 -12.33
N SER A 66 -7.94 -5.59 -12.09
CA SER A 66 -6.88 -6.47 -11.65
C SER A 66 -5.88 -5.64 -10.82
N PHE A 67 -5.09 -6.32 -9.99
CA PHE A 67 -4.06 -5.65 -9.21
C PHE A 67 -2.77 -6.49 -9.27
N HIS A 68 -1.61 -5.83 -9.20
CA HIS A 68 -0.34 -6.54 -9.11
C HIS A 68 0.61 -5.73 -8.22
N LYS A 69 1.32 -6.43 -7.32
CA LYS A 69 2.30 -5.81 -6.43
C LYS A 69 3.68 -6.24 -6.93
N GLY A 70 4.52 -5.26 -7.27
CA GLY A 70 5.83 -5.53 -7.75
C GLY A 70 6.90 -4.91 -6.87
N PHE A 71 8.14 -5.30 -7.13
CA PHE A 71 9.28 -4.81 -6.39
C PHE A 71 10.10 -3.93 -7.34
N GLY A 72 10.20 -2.63 -7.05
CA GLY A 72 10.97 -1.77 -7.91
C GLY A 72 11.84 -0.79 -7.14
N GLY A 73 12.05 0.39 -7.73
CA GLY A 73 13.11 1.26 -7.32
C GLY A 73 14.34 0.88 -8.11
N LYS A 74 15.04 1.87 -8.70
CA LYS A 74 16.13 1.58 -9.58
C LYS A 74 17.28 0.93 -8.80
N GLY A 75 17.44 1.33 -7.53
CA GLY A 75 18.53 0.77 -6.75
C GLY A 75 18.35 -0.73 -6.51
N ALA A 76 17.17 -1.09 -6.00
CA ALA A 76 16.81 -2.50 -5.80
C ALA A 76 16.85 -3.25 -7.13
N ASN A 77 16.33 -2.64 -8.20
CA ASN A 77 16.28 -3.30 -9.49
C ASN A 77 17.72 -3.68 -9.91
N GLN A 78 18.67 -2.74 -9.75
CA GLN A 78 20.05 -2.96 -10.23
C GLN A 78 20.74 -3.99 -9.34
N ALA A 79 20.45 -3.94 -8.03
CA ALA A 79 21.03 -4.91 -7.13
C ALA A 79 20.53 -6.34 -7.47
N VAL A 80 19.22 -6.47 -7.65
CA VAL A 80 18.56 -7.73 -7.97
C VAL A 80 19.07 -8.28 -9.32
N ALA A 81 19.29 -7.41 -10.31
CA ALA A 81 19.85 -7.86 -11.60
C ALA A 81 21.19 -8.56 -11.37
N ALA A 82 22.09 -7.93 -10.60
CA ALA A 82 23.35 -8.53 -10.24
C ALA A 82 23.14 -9.80 -9.40
N GLY A 83 22.25 -9.74 -8.40
CA GLY A 83 22.03 -10.82 -7.51
C GLY A 83 21.53 -12.06 -8.21
N ARG A 84 20.67 -11.88 -9.19
CA ARG A 84 20.14 -13.01 -9.94
C ARG A 84 21.23 -13.69 -10.79
N LEU A 85 22.35 -13.01 -11.06
CA LEU A 85 23.43 -13.65 -11.86
C LEU A 85 24.48 -14.29 -10.96
N GLY A 86 24.34 -14.07 -9.64
CA GLY A 86 25.17 -14.71 -8.65
C GLY A 86 26.02 -13.71 -7.86
N ALA A 87 25.88 -12.41 -8.15
CA ALA A 87 26.74 -11.37 -7.54
C ALA A 87 26.73 -11.44 -6.02
N LYS A 88 27.87 -11.14 -5.41
CA LYS A 88 27.94 -10.93 -4.00
C LYS A 88 27.60 -9.45 -3.72
N VAL A 89 26.31 -9.14 -3.81
CA VAL A 89 25.84 -7.75 -3.85
C VAL A 89 25.13 -7.48 -2.52
N ALA A 90 25.25 -6.25 -1.98
CA ALA A 90 24.52 -5.80 -0.81
C ALA A 90 23.78 -4.50 -1.13
N MET A 91 22.55 -4.37 -0.61
CA MET A 91 21.73 -3.20 -0.83
C MET A 91 21.84 -2.30 0.39
N VAL A 92 22.14 -1.01 0.16
CA VAL A 92 22.09 -0.02 1.22
C VAL A 92 20.98 0.95 0.85
N SER A 93 19.95 1.02 1.70
CA SER A 93 18.79 1.79 1.40
C SER A 93 18.03 2.04 2.70
N MET A 94 16.88 2.72 2.58
CA MET A 94 16.01 2.85 3.72
C MET A 94 14.58 2.45 3.36
N VAL A 95 14.01 1.60 4.22
CA VAL A 95 12.63 1.19 4.15
C VAL A 95 11.99 1.43 5.52
N GLY A 96 10.67 1.18 5.60
CA GLY A 96 9.93 1.26 6.83
C GLY A 96 10.07 0.05 7.73
N THR A 97 9.61 0.21 8.97
CA THR A 97 9.47 -0.92 9.86
C THR A 97 8.16 -1.63 9.53
N ASP A 98 7.37 -1.06 8.61
CA ASP A 98 6.12 -1.69 8.12
C ASP A 98 6.40 -3.06 7.45
N GLY A 99 5.34 -3.86 7.35
CA GLY A 99 5.37 -5.15 6.68
C GLY A 99 5.85 -5.06 5.22
N ASP A 100 5.50 -3.97 4.52
CA ASP A 100 6.00 -3.73 3.15
C ASP A 100 7.54 -3.75 3.13
N GLY A 101 8.16 -3.10 4.12
CA GLY A 101 9.63 -3.11 4.26
C GLY A 101 10.15 -4.53 4.47
N SER A 102 9.46 -5.27 5.34
CA SER A 102 9.82 -6.65 5.62
C SER A 102 9.73 -7.51 4.36
N ASP A 103 8.67 -7.30 3.59
CA ASP A 103 8.49 -8.03 2.33
C ASP A 103 9.64 -7.73 1.36
N TYR A 104 10.09 -6.48 1.28
CA TYR A 104 11.21 -6.12 0.36
C TYR A 104 12.52 -6.77 0.83
N ILE A 105 12.79 -6.68 2.12
CA ILE A 105 13.99 -7.29 2.65
C ILE A 105 14.05 -8.79 2.29
N LYS A 106 12.95 -9.52 2.43
CA LYS A 106 12.94 -10.94 2.12
C LYS A 106 13.13 -11.16 0.61
N GLU A 107 12.46 -10.33 -0.21
CA GLU A 107 12.55 -10.45 -1.65
C GLU A 107 13.99 -10.22 -2.13
N LEU A 108 14.71 -9.28 -1.52
CA LEU A 108 16.07 -9.02 -1.89
C LEU A 108 16.93 -10.26 -1.58
N GLU A 109 16.70 -10.86 -0.42
CA GLU A 109 17.44 -12.08 -0.03
C GLU A 109 17.15 -13.23 -1.01
N ARG A 110 15.90 -13.39 -1.41
CA ARG A 110 15.53 -14.43 -2.32
C ARG A 110 16.08 -14.19 -3.72
N ASN A 111 16.62 -12.99 -3.99
CA ASN A 111 17.19 -12.70 -5.29
C ASN A 111 18.67 -12.41 -5.18
N GLY A 112 19.27 -12.83 -4.06
CA GLY A 112 20.72 -12.95 -3.94
C GLY A 112 21.38 -11.66 -3.48
N VAL A 113 20.61 -10.78 -2.84
CA VAL A 113 21.06 -9.49 -2.35
C VAL A 113 21.07 -9.53 -0.82
N ASP A 114 22.25 -9.23 -0.27
CA ASP A 114 22.49 -9.13 1.16
C ASP A 114 21.81 -7.86 1.67
N THR A 115 21.13 -7.97 2.82
CA THR A 115 20.29 -6.85 3.34
C THR A 115 20.80 -6.33 4.69
N ALA A 116 22.01 -6.69 5.11
CA ALA A 116 22.51 -6.29 6.43
C ALA A 116 22.49 -4.75 6.60
N TYR A 117 22.69 -4.01 5.51
CA TYR A 117 22.83 -2.55 5.59
C TYR A 117 21.55 -1.86 5.08
N MET A 118 20.43 -2.59 5.08
CA MET A 118 19.17 -2.01 4.85
C MET A 118 18.75 -1.29 6.17
N PHE A 119 18.46 0.01 6.10
CA PHE A 119 18.04 0.73 7.30
C PHE A 119 16.51 0.72 7.33
N ARG A 120 15.96 0.73 8.52
CA ARG A 120 14.50 0.76 8.68
C ARG A 120 14.13 1.93 9.60
N THR A 121 13.09 2.67 9.24
CA THR A 121 12.65 3.80 10.06
C THR A 121 11.19 3.55 10.43
N GLY A 122 10.86 3.79 11.71
CA GLY A 122 9.47 3.74 12.14
C GLY A 122 8.74 5.04 11.89
N LYS A 123 9.41 6.04 11.33
CA LYS A 123 8.80 7.36 11.16
C LYS A 123 8.26 7.60 9.72
N SER A 124 8.53 6.66 8.81
CA SER A 124 8.04 6.73 7.44
C SER A 124 7.61 5.34 6.99
N SER A 125 6.73 5.31 6.01
CA SER A 125 6.38 4.10 5.28
C SER A 125 7.52 3.74 4.32
N THR A 126 7.55 2.48 3.90
CA THR A 126 8.40 2.07 2.81
C THR A 126 7.99 2.88 1.54
N GLY A 127 8.98 3.19 0.71
CA GLY A 127 8.74 3.88 -0.56
C GLY A 127 7.89 3.05 -1.49
N LEU A 128 7.08 3.72 -2.31
CA LEU A 128 6.24 3.00 -3.24
C LEU A 128 5.84 3.93 -4.41
N ALA A 129 5.37 3.31 -5.47
CA ALA A 129 4.74 4.00 -6.56
C ALA A 129 3.32 3.45 -6.70
N MET A 130 2.35 4.37 -6.80
CA MET A 130 1.01 4.00 -7.09
C MET A 130 0.79 4.22 -8.59
N ILE A 131 0.46 3.13 -9.27
CA ILE A 131 0.47 3.06 -10.70
C ILE A 131 -0.89 2.61 -11.20
N LEU A 132 -1.54 3.47 -11.99
CA LEU A 132 -2.80 3.07 -12.60
C LEU A 132 -2.59 2.81 -14.10
N VAL A 133 -3.11 1.68 -14.57
CA VAL A 133 -2.92 1.24 -15.94
C VAL A 133 -4.30 0.93 -16.56
N ASP A 134 -4.58 1.60 -17.68
CA ASP A 134 -5.72 1.32 -18.51
C ASP A 134 -5.20 0.47 -19.68
N THR A 135 -5.37 -0.86 -19.68
CA THR A 135 -4.78 -1.66 -20.81
C THR A 135 -5.54 -1.33 -22.11
N LYS A 136 -6.86 -1.13 -22.02
CA LYS A 136 -7.68 -0.69 -23.18
C LYS A 136 -6.93 0.40 -23.95
N SER A 137 -6.76 1.57 -23.31
CA SER A 137 -6.13 2.75 -23.89
C SER A 137 -4.60 2.71 -23.73
N SER A 138 -4.08 1.69 -23.05
CA SER A 138 -2.65 1.55 -22.68
C SER A 138 -2.07 2.92 -22.26
N ASN A 139 -2.79 3.66 -21.39
CA ASN A 139 -2.25 4.86 -20.71
C ASN A 139 -1.94 4.52 -19.23
N ASN A 140 -1.05 5.30 -18.62
CA ASN A 140 -0.70 5.16 -17.20
C ASN A 140 -0.92 6.47 -16.47
N GLU A 141 -1.12 6.39 -15.16
CA GLU A 141 -0.89 7.49 -14.24
C GLU A 141 -0.09 6.95 -13.06
N ILE A 142 0.93 7.69 -12.63
CA ILE A 142 1.88 7.21 -11.66
C ILE A 142 2.11 8.31 -10.63
N VAL A 143 1.92 7.99 -9.35
CA VAL A 143 2.25 8.89 -8.28
C VAL A 143 3.34 8.22 -7.43
N ILE A 144 4.53 8.82 -7.41
CA ILE A 144 5.69 8.27 -6.74
C ILE A 144 5.77 8.84 -5.32
N CYS A 145 5.93 7.95 -4.34
CA CYS A 145 5.86 8.28 -2.90
C CYS A 145 7.12 7.76 -2.25
N PRO A 146 8.23 8.55 -2.28
CA PRO A 146 9.51 7.97 -1.88
C PRO A 146 9.55 7.61 -0.39
N ASN A 147 8.75 8.35 0.39
CA ASN A 147 8.46 8.00 1.80
C ASN A 147 9.80 7.94 2.54
N ALA A 148 10.11 6.80 3.18
CA ALA A 148 11.37 6.61 3.94
C ALA A 148 12.58 7.10 3.15
N THR A 149 12.52 6.96 1.81
CA THR A 149 13.67 7.26 0.95
C THR A 149 14.16 8.68 1.15
N ASN A 150 13.21 9.58 1.38
CA ASN A 150 13.46 11.02 1.50
C ASN A 150 14.33 11.33 2.72
N HIS A 151 14.37 10.40 3.68
CA HIS A 151 15.08 10.58 4.93
C HIS A 151 16.40 9.80 4.92
N PHE A 152 16.80 9.28 3.75
CA PHE A 152 18.02 8.54 3.56
C PHE A 152 19.14 9.52 3.16
N THR A 153 19.59 10.28 4.16
CA THR A 153 20.42 11.43 4.00
C THR A 153 21.85 11.01 4.27
N PRO A 154 22.86 11.81 3.86
CA PRO A 154 24.24 11.48 4.17
C PRO A 154 24.48 11.48 5.69
N GLU A 155 23.84 12.40 6.41
CA GLU A 155 24.10 12.50 7.85
C GLU A 155 23.60 11.22 8.55
N LEU A 156 22.44 10.73 8.14
CA LEU A 156 21.88 9.49 8.72
CA LEU A 156 21.86 9.48 8.70
C LEU A 156 22.75 8.29 8.31
N LEU A 157 23.17 8.27 7.04
CA LEU A 157 23.98 7.19 6.56
C LEU A 157 25.27 7.11 7.36
N ARG A 158 25.93 8.26 7.53
CA ARG A 158 27.20 8.36 8.21
C ARG A 158 27.01 7.94 9.67
N ALA A 159 25.95 8.44 10.31
CA ALA A 159 25.59 8.08 11.73
C ALA A 159 25.46 6.55 11.91
N GLN A 160 24.96 5.85 10.90
CA GLN A 160 24.68 4.41 11.00
C GLN A 160 25.85 3.54 10.51
N THR A 161 26.85 4.13 9.88
CA THR A 161 27.88 3.33 9.23
C THR A 161 29.28 3.71 9.74
N ASN A 162 29.35 4.48 10.83
CA ASN A 162 30.65 4.98 11.33
C ASN A 162 31.39 5.77 10.23
N ASN A 163 30.71 6.77 9.68
CA ASN A 163 31.26 7.60 8.58
C ASN A 163 31.68 6.72 7.40
N TYR A 164 30.82 5.79 7.02
CA TYR A 164 30.95 4.93 5.82
C TYR A 164 31.87 3.73 6.05
N GLU A 165 32.61 3.70 7.17
CA GLU A 165 33.57 2.61 7.44
C GLU A 165 32.87 1.25 7.46
N ARG A 166 31.62 1.21 7.92
CA ARG A 166 30.92 -0.07 8.02
C ARG A 166 30.53 -0.62 6.64
N ILE A 167 30.36 0.22 5.62
CA ILE A 167 29.86 -0.33 4.35
C ILE A 167 30.96 -0.29 3.29
N LEU A 168 31.99 0.56 3.47
CA LEU A 168 33.07 0.65 2.47
C LEU A 168 34.32 -0.08 3.01
N HIS A 169 34.23 -1.40 3.19
CA HIS A 169 35.36 -2.24 3.63
C HIS A 169 36.41 -2.38 2.51
N THR A 170 37.60 -2.87 2.88
CA THR A 170 38.77 -2.98 1.97
C THR A 170 38.49 -3.91 0.77
N GLY A 171 37.73 -4.99 0.99
CA GLY A 171 37.39 -5.94 -0.09
C GLY A 171 36.45 -5.38 -1.17
N LEU A 172 35.90 -4.17 -0.99
CA LEU A 172 34.75 -3.71 -1.81
C LEU A 172 35.26 -3.26 -3.18
N LYS A 173 34.64 -3.76 -4.24
CA LYS A 173 35.17 -3.54 -5.59
C LYS A 173 34.31 -2.54 -6.36
N TYR A 174 32.99 -2.52 -6.17
CA TYR A 174 32.08 -1.71 -6.95
C TYR A 174 31.01 -1.06 -6.07
N LEU A 175 30.71 0.19 -6.39
CA LEU A 175 29.51 0.89 -5.88
C LEU A 175 28.62 1.21 -7.07
N ILE A 176 27.31 0.95 -6.95
CA ILE A 176 26.33 1.47 -7.91
C ILE A 176 25.40 2.45 -7.21
N CYS A 177 25.28 3.64 -7.80
CA CYS A 177 24.29 4.61 -7.39
C CYS A 177 23.43 4.96 -8.60
N GLN A 178 22.23 5.46 -8.31
CA GLN A 178 21.34 6.05 -9.27
C GLN A 178 20.99 7.46 -8.78
N ASN A 179 19.89 8.02 -9.26
CA ASN A 179 19.46 9.38 -8.84
C ASN A 179 18.03 9.32 -8.27
N GLU A 180 17.73 8.37 -7.39
CA GLU A 180 16.39 8.14 -6.89
C GLU A 180 16.35 8.11 -5.35
N ILE A 181 17.43 8.59 -4.74
CA ILE A 181 17.54 8.90 -3.34
C ILE A 181 18.01 10.37 -3.26
N PRO A 182 18.10 10.96 -2.06
CA PRO A 182 18.59 12.34 -1.96
C PRO A 182 19.96 12.45 -2.65
N LEU A 183 20.07 13.43 -3.53
CA LEU A 183 21.27 13.59 -4.31
C LEU A 183 22.53 13.68 -3.46
N PRO A 184 22.56 14.42 -2.33
CA PRO A 184 23.76 14.49 -1.51
C PRO A 184 24.19 13.10 -1.03
N THR A 185 23.23 12.19 -0.79
CA THR A 185 23.63 10.88 -0.33
C THR A 185 24.38 10.16 -1.45
N THR A 186 23.84 10.23 -2.67
CA THR A 186 24.46 9.60 -3.84
C THR A 186 25.86 10.19 -4.02
N LEU A 187 25.95 11.52 -4.05
CA LEU A 187 27.22 12.13 -4.41
C LEU A 187 28.27 11.87 -3.32
N ASP A 188 27.88 12.01 -2.04
CA ASP A 188 28.84 11.86 -0.95
C ASP A 188 29.33 10.42 -0.88
N THR A 189 28.42 9.47 -1.16
CA THR A 189 28.83 8.08 -1.17
C THR A 189 29.83 7.81 -2.29
N ILE A 190 29.54 8.32 -3.48
CA ILE A 190 30.43 8.17 -4.61
C ILE A 190 31.82 8.70 -4.25
N LYS A 191 31.86 9.89 -3.68
CA LYS A 191 33.15 10.54 -3.39
C LYS A 191 33.95 9.68 -2.40
N GLU A 192 33.28 9.25 -1.32
CA GLU A 192 33.91 8.48 -0.28
C GLU A 192 34.39 7.13 -0.82
N ALA A 193 33.57 6.46 -1.65
CA ALA A 193 33.97 5.14 -2.15
C ALA A 193 35.20 5.30 -3.07
N HIS A 194 35.15 6.31 -3.93
CA HIS A 194 36.19 6.57 -4.90
C HIS A 194 37.52 6.89 -4.20
N SER A 195 37.44 7.60 -3.07
CA SER A 195 38.63 7.95 -2.29
C SER A 195 39.31 6.68 -1.75
N ARG A 196 38.57 5.57 -1.65
CA ARG A 196 39.10 4.33 -1.07
C ARG A 196 39.51 3.36 -2.17
N GLY A 197 39.42 3.78 -3.44
CA GLY A 197 39.80 2.95 -4.57
C GLY A 197 38.68 2.01 -5.01
N VAL A 198 37.43 2.29 -4.60
CA VAL A 198 36.26 1.53 -5.11
C VAL A 198 35.92 2.04 -6.52
N TYR A 199 35.51 1.13 -7.40
CA TYR A 199 35.10 1.50 -8.73
C TYR A 199 33.63 1.93 -8.67
N THR A 200 33.37 3.21 -8.93
CA THR A 200 32.05 3.78 -8.69
C THR A 200 31.31 3.90 -10.01
N VAL A 201 30.04 3.48 -9.97
CA VAL A 201 29.17 3.46 -11.12
C VAL A 201 27.96 4.32 -10.83
N PHE A 202 27.69 5.29 -11.70
CA PHE A 202 26.63 6.24 -11.46
C PHE A 202 25.72 6.25 -12.68
N ASN A 203 24.53 5.70 -12.50
CA ASN A 203 23.46 5.74 -13.48
C ASN A 203 22.51 6.89 -13.09
N SER A 204 22.59 8.03 -13.79
CA SER A 204 21.93 9.24 -13.36
C SER A 204 20.45 9.21 -13.79
N ALA A 205 19.71 8.25 -13.21
CA ALA A 205 18.30 8.06 -13.50
C ALA A 205 17.52 8.03 -12.18
N PRO A 206 16.32 8.65 -12.10
CA PRO A 206 15.75 9.42 -13.21
C PRO A 206 16.57 10.67 -13.52
N ALA A 207 16.26 11.26 -14.69
CA ALA A 207 16.98 12.38 -15.30
C ALA A 207 17.19 13.51 -14.31
N PRO A 208 18.40 14.05 -14.17
CA PRO A 208 18.64 15.14 -13.24
C PRO A 208 17.94 16.43 -13.70
N LYS A 209 17.45 17.19 -12.73
CA LYS A 209 16.91 18.52 -12.93
C LYS A 209 18.05 19.52 -13.07
N PRO A 210 17.80 20.72 -13.63
CA PRO A 210 18.87 21.69 -13.85
C PRO A 210 19.78 21.92 -12.64
N ALA A 211 19.22 22.16 -11.44
CA ALA A 211 20.07 22.39 -10.23
C ALA A 211 20.81 21.09 -9.81
N GLU A 212 20.29 19.92 -10.18
CA GLU A 212 21.00 18.67 -9.89
C GLU A 212 22.23 18.53 -10.81
N VAL A 213 22.05 18.87 -12.11
CA VAL A 213 23.18 18.84 -13.04
C VAL A 213 24.34 19.66 -12.45
N GLU A 214 24.01 20.84 -11.90
CA GLU A 214 25.06 21.74 -11.40
C GLU A 214 25.80 21.10 -10.23
N GLN A 215 25.07 20.40 -9.35
CA GLN A 215 25.67 19.75 -8.16
C GLN A 215 26.54 18.54 -8.58
N ILE A 216 26.12 17.84 -9.64
CA ILE A 216 26.70 16.58 -10.07
C ILE A 216 28.10 16.82 -10.67
N LYS A 217 28.22 17.85 -11.52
CA LYS A 217 29.38 17.99 -12.41
C LYS A 217 30.69 17.96 -11.64
N PRO A 218 30.82 18.65 -10.48
CA PRO A 218 32.06 18.61 -9.70
C PRO A 218 32.36 17.27 -9.04
N PHE A 219 31.35 16.36 -9.00
CA PHE A 219 31.56 15.01 -8.48
C PHE A 219 31.99 14.02 -9.58
N LEU A 220 31.90 14.44 -10.85
CA LEU A 220 32.15 13.53 -11.94
C LEU A 220 33.58 12.99 -11.90
N PRO A 221 34.61 13.75 -11.43
CA PRO A 221 35.93 13.15 -11.24
C PRO A 221 35.99 11.97 -10.26
N TYR A 222 34.95 11.77 -9.44
CA TYR A 222 34.94 10.63 -8.53
C TYR A 222 34.10 9.48 -9.11
N VAL A 223 33.59 9.62 -10.34
CA VAL A 223 32.79 8.58 -10.99
C VAL A 223 33.69 7.79 -11.96
N SER A 224 33.92 6.51 -11.65
CA SER A 224 34.68 5.59 -12.48
C SER A 224 33.92 5.29 -13.76
N LEU A 225 32.60 5.16 -13.66
CA LEU A 225 31.77 4.80 -14.79
C LEU A 225 30.46 5.56 -14.73
N PHE A 226 30.22 6.41 -15.73
CA PHE A 226 29.00 7.14 -15.85
C PHE A 226 28.18 6.44 -16.91
N CYS A 227 26.95 5.97 -16.59
CA CYS A 227 26.17 5.20 -17.58
CA CYS A 227 26.16 5.20 -17.57
C CYS A 227 24.79 5.84 -17.80
N PRO A 228 24.72 7.03 -18.42
CA PRO A 228 23.45 7.67 -18.75
C PRO A 228 22.77 7.10 -20.00
N ASN A 229 21.47 7.37 -20.14
CA ASN A 229 20.78 7.22 -21.43
C ASN A 229 20.97 8.51 -22.23
N GLU A 230 20.25 8.67 -23.35
CA GLU A 230 20.51 9.83 -24.19
C GLU A 230 20.07 11.14 -23.54
N VAL A 231 18.85 11.18 -22.99
CA VAL A 231 18.37 12.41 -22.36
C VAL A 231 19.29 12.82 -21.20
N GLU A 232 19.70 11.83 -20.37
CA GLU A 232 20.53 12.13 -19.22
C GLU A 232 21.87 12.68 -19.70
N ALA A 233 22.42 12.01 -20.72
CA ALA A 233 23.71 12.51 -21.26
C ALA A 233 23.52 13.95 -21.77
N THR A 234 22.37 14.21 -22.41
CA THR A 234 22.08 15.55 -22.98
C THR A 234 22.05 16.60 -21.86
N LEU A 235 21.32 16.29 -20.77
CA LEU A 235 21.18 17.24 -19.64
C LEU A 235 22.53 17.50 -18.99
N ILE A 236 23.37 16.47 -18.82
CA ILE A 236 24.65 16.66 -18.10
C ILE A 236 25.66 17.42 -18.99
N THR A 237 25.78 17.02 -20.25
CA THR A 237 26.90 17.48 -21.11
C THR A 237 26.53 18.74 -21.88
N GLY A 238 25.23 18.95 -22.14
CA GLY A 238 24.79 19.98 -23.05
C GLY A 238 24.89 19.55 -24.52
N VAL A 239 25.40 18.34 -24.80
CA VAL A 239 25.41 17.77 -26.13
C VAL A 239 24.02 17.16 -26.41
N LYS A 240 23.41 17.54 -27.54
CA LYS A 240 22.13 16.94 -27.91
C LYS A 240 22.34 15.50 -28.43
N VAL A 241 22.05 14.51 -27.59
CA VAL A 241 22.33 13.13 -27.95
C VAL A 241 21.06 12.51 -28.54
N THR A 242 21.13 12.10 -29.82
CA THR A 242 20.03 11.47 -30.53
C THR A 242 20.53 10.32 -31.42
N ASP A 243 21.84 10.06 -31.43
CA ASP A 243 22.39 9.11 -32.37
C ASP A 243 23.83 8.81 -31.94
N THR A 244 24.49 7.91 -32.67
CA THR A 244 25.83 7.43 -32.32
C THR A 244 26.83 8.59 -32.34
N GLU A 245 26.73 9.43 -33.36
CA GLU A 245 27.68 10.51 -33.56
C GLU A 245 27.65 11.45 -32.33
N SER A 246 26.45 11.95 -32.02
CA SER A 246 26.28 12.88 -30.87
C SER A 246 26.62 12.16 -29.55
N ALA A 247 26.35 10.86 -29.46
CA ALA A 247 26.66 10.09 -28.23
C ALA A 247 28.18 10.06 -28.01
N PHE A 248 28.94 9.78 -29.08
CA PHE A 248 30.42 9.84 -29.07
C PHE A 248 30.92 11.21 -28.58
N SER A 249 30.25 12.31 -28.98
CA SER A 249 30.61 13.69 -28.59
C SER A 249 30.37 13.87 -27.09
N ALA A 250 29.23 13.35 -26.61
CA ALA A 250 28.90 13.35 -25.17
C ALA A 250 29.94 12.59 -24.38
N ILE A 251 30.40 11.43 -24.88
CA ILE A 251 31.43 10.69 -24.25
C ILE A 251 32.62 11.61 -24.01
N LYS A 252 33.00 12.40 -25.02
CA LYS A 252 34.17 13.30 -24.89
C LYS A 252 33.90 14.38 -23.82
N ALA A 253 32.71 14.97 -23.86
CA ALA A 253 32.32 15.98 -22.88
C ALA A 253 32.43 15.41 -21.46
N LEU A 254 32.05 14.14 -21.28
CA LEU A 254 32.04 13.52 -19.95
C LEU A 254 33.46 13.24 -19.46
N GLN A 255 34.34 12.78 -20.36
CA GLN A 255 35.72 12.52 -20.03
C GLN A 255 36.41 13.82 -19.61
N GLN A 256 36.05 14.92 -20.27
CA GLN A 256 36.59 16.25 -19.94
C GLN A 256 36.14 16.66 -18.53
N LEU A 257 34.91 16.27 -18.15
CA LEU A 257 34.40 16.59 -16.79
C LEU A 257 35.05 15.67 -15.74
N GLY A 258 35.85 14.69 -16.19
CA GLY A 258 36.74 13.88 -15.36
C GLY A 258 36.29 12.41 -15.18
N VAL A 259 35.28 11.97 -15.92
CA VAL A 259 34.79 10.58 -15.82
C VAL A 259 35.80 9.67 -16.51
N ARG A 260 36.19 8.57 -15.87
CA ARG A 260 37.14 7.65 -16.44
C ARG A 260 36.51 6.88 -17.62
N ASP A 261 35.48 6.06 -17.32
CA ASP A 261 34.78 5.18 -18.26
C ASP A 261 33.37 5.69 -18.48
N VAL A 262 32.90 5.61 -19.73
CA VAL A 262 31.58 6.08 -20.11
C VAL A 262 30.87 5.01 -20.92
N VAL A 263 29.59 4.82 -20.59
CA VAL A 263 28.69 4.05 -21.38
C VAL A 263 27.42 4.87 -21.56
N ILE A 264 27.01 5.13 -22.80
CA ILE A 264 25.79 5.81 -23.04
C ILE A 264 24.85 4.83 -23.73
N THR A 265 23.70 4.54 -23.11
CA THR A 265 22.73 3.61 -23.66
C THR A 265 21.86 4.40 -24.62
N LEU A 266 21.46 3.74 -25.70
CA LEU A 266 20.69 4.34 -26.77
C LEU A 266 19.36 3.59 -26.88
N GLY A 267 18.84 3.12 -25.75
CA GLY A 267 17.62 2.33 -25.73
C GLY A 267 17.76 1.06 -26.57
N ALA A 268 16.84 0.90 -27.52
CA ALA A 268 16.76 -0.31 -28.34
C ALA A 268 17.89 -0.28 -29.39
N ALA A 269 18.50 0.89 -29.60
CA ALA A 269 19.54 1.06 -30.64
C ALA A 269 20.97 0.83 -30.08
N GLY A 270 21.10 0.09 -28.97
CA GLY A 270 22.41 -0.36 -28.51
C GLY A 270 23.05 0.64 -27.56
N PHE A 271 24.38 0.79 -27.66
CA PHE A 271 25.08 1.63 -26.75
C PHE A 271 26.44 2.00 -27.33
N VAL A 272 27.02 3.06 -26.78
CA VAL A 272 28.36 3.45 -27.08
C VAL A 272 29.14 3.47 -25.77
N LEU A 273 30.44 3.25 -25.86
CA LEU A 273 31.29 3.30 -24.72
C LEU A 273 32.73 3.69 -25.09
N SER A 274 33.47 4.17 -24.09
CA SER A 274 34.87 4.36 -24.10
C SER A 274 35.47 3.94 -22.77
N GLU A 275 36.43 3.01 -22.83
CA GLU A 275 37.22 2.55 -21.70
C GLU A 275 38.44 3.45 -21.53
N ASN A 276 38.45 4.16 -20.40
CA ASN A 276 39.51 5.05 -19.97
C ASN A 276 40.07 5.85 -21.16
N GLY A 277 39.19 6.50 -21.92
CA GLY A 277 39.57 7.44 -23.00
C GLY A 277 40.02 6.79 -24.31
N ALA A 278 39.98 5.47 -24.45
CA ALA A 278 40.26 4.79 -25.74
C ALA A 278 39.18 5.12 -26.79
N GLU A 279 39.47 4.75 -28.04
CA GLU A 279 38.58 5.02 -29.17
C GLU A 279 37.19 4.51 -28.77
N PRO A 280 36.14 5.35 -28.83
CA PRO A 280 34.78 4.92 -28.50
C PRO A 280 34.35 3.79 -29.42
N VAL A 281 33.37 3.04 -28.93
CA VAL A 281 32.91 1.82 -29.57
C VAL A 281 31.39 1.89 -29.59
N HIS A 282 30.79 1.50 -30.70
CA HIS A 282 29.36 1.44 -30.86
C HIS A 282 28.93 -0.03 -31.00
N VAL A 283 28.01 -0.45 -30.14
CA VAL A 283 27.41 -1.80 -30.24
C VAL A 283 25.93 -1.64 -30.55
N THR A 284 25.48 -2.38 -31.57
CA THR A 284 24.07 -2.31 -32.03
CA THR A 284 24.08 -2.33 -32.05
C THR A 284 23.15 -3.11 -31.10
N GLY A 285 21.86 -2.73 -31.09
CA GLY A 285 20.81 -3.29 -30.18
C GLY A 285 20.58 -4.79 -30.33
N THR A 293 9.52 -3.49 -21.61
CA THR A 293 10.86 -2.87 -21.44
C THR A 293 11.05 -2.16 -20.09
N THR A 294 10.01 -2.09 -19.24
CA THR A 294 10.12 -1.54 -17.87
C THR A 294 11.29 -2.22 -17.14
N GLY A 295 12.28 -1.43 -16.67
CA GLY A 295 13.38 -1.94 -15.85
C GLY A 295 14.49 -2.67 -16.63
N ALA A 296 14.44 -2.61 -17.97
CA ALA A 296 15.45 -3.21 -18.84
C ALA A 296 16.80 -2.50 -18.62
N GLY A 297 16.74 -1.16 -18.46
CA GLY A 297 17.92 -0.30 -18.20
C GLY A 297 18.56 -0.67 -16.87
N ASP A 298 17.72 -0.95 -15.87
CA ASP A 298 18.24 -1.38 -14.56
C ASP A 298 18.90 -2.75 -14.69
N CYS A 299 18.27 -3.66 -15.45
CA CYS A 299 18.87 -4.95 -15.69
C CYS A 299 20.24 -4.80 -16.39
N PHE A 300 20.30 -3.92 -17.38
CA PHE A 300 21.55 -3.66 -18.05
C PHE A 300 22.64 -3.21 -17.07
N VAL A 301 22.33 -2.22 -16.23
CA VAL A 301 23.36 -1.63 -15.35
C VAL A 301 23.86 -2.67 -14.36
N GLY A 302 22.94 -3.35 -13.66
CA GLY A 302 23.36 -4.31 -12.63
C GLY A 302 24.13 -5.49 -13.23
N SER A 303 23.63 -6.01 -14.36
CA SER A 303 24.31 -7.09 -15.11
C SER A 303 25.71 -6.68 -15.51
N MET A 304 25.86 -5.44 -16.01
CA MET A 304 27.14 -4.91 -16.48
C MET A 304 28.16 -4.98 -15.34
N VAL A 305 27.79 -4.48 -14.16
CA VAL A 305 28.67 -4.49 -12.99
C VAL A 305 28.97 -5.93 -12.56
N TYR A 306 27.98 -6.82 -12.60
CA TYR A 306 28.24 -8.19 -12.22
C TYR A 306 29.40 -8.75 -13.08
N PHE A 307 29.30 -8.56 -14.40
CA PHE A 307 30.30 -9.11 -15.36
C PHE A 307 31.65 -8.47 -15.14
N MET A 308 31.69 -7.18 -14.82
CA MET A 308 32.96 -6.52 -14.53
CA MET A 308 32.96 -6.51 -14.54
C MET A 308 33.57 -7.13 -13.26
N SER A 309 32.72 -7.48 -12.29
CA SER A 309 33.22 -8.06 -11.03
C SER A 309 33.78 -9.46 -11.28
N ARG A 310 33.34 -10.10 -12.35
CA ARG A 310 33.84 -11.42 -12.71
C ARG A 310 35.11 -11.33 -13.55
N GLY A 311 35.52 -10.12 -13.96
CA GLY A 311 36.80 -9.84 -14.63
C GLY A 311 36.67 -9.43 -16.10
N ARG A 312 35.43 -9.25 -16.59
CA ARG A 312 35.24 -8.78 -17.96
C ARG A 312 35.57 -7.30 -18.01
N ASN A 313 36.13 -6.86 -19.15
CA ASN A 313 36.35 -5.44 -19.38
C ASN A 313 35.01 -4.82 -19.78
N LEU A 314 35.02 -3.50 -19.92
CA LEU A 314 33.82 -2.73 -20.06
C LEU A 314 33.02 -3.20 -21.26
N LEU A 315 33.66 -3.31 -22.43
CA LEU A 315 32.97 -3.74 -23.61
C LEU A 315 32.36 -5.14 -23.45
N GLU A 316 33.14 -6.10 -22.93
CA GLU A 316 32.67 -7.47 -22.80
C GLU A 316 31.46 -7.50 -21.85
N ALA A 317 31.59 -6.74 -20.77
CA ALA A 317 30.53 -6.63 -19.73
C ALA A 317 29.24 -6.03 -20.32
N CYS A 318 29.40 -4.99 -21.14
CA CYS A 318 28.25 -4.30 -21.73
C CYS A 318 27.55 -5.18 -22.78
N LYS A 319 28.30 -5.95 -23.58
CA LYS A 319 27.68 -6.87 -24.55
C LYS A 319 26.85 -7.93 -23.81
N ARG A 320 27.43 -8.52 -22.77
CA ARG A 320 26.77 -9.53 -21.95
C ARG A 320 25.57 -8.89 -21.24
N ALA A 321 25.75 -7.70 -20.66
CA ALA A 321 24.64 -6.94 -20.02
C ALA A 321 23.46 -6.75 -20.98
N ASN A 322 23.76 -6.32 -22.22
CA ASN A 322 22.77 -6.02 -23.26
C ASN A 322 21.96 -7.28 -23.55
N GLU A 323 22.61 -8.44 -23.57
CA GLU A 323 21.92 -9.72 -23.80
C GLU A 323 21.03 -10.07 -22.59
N CYS A 324 21.59 -9.93 -21.39
CA CYS A 324 20.85 -10.20 -20.15
C CYS A 324 19.57 -9.36 -20.11
N ALA A 325 19.68 -8.11 -20.58
CA ALA A 325 18.57 -7.17 -20.56
C ALA A 325 17.44 -7.65 -21.50
N ALA A 326 17.79 -8.19 -22.67
CA ALA A 326 16.77 -8.78 -23.59
C ALA A 326 16.15 -10.05 -22.97
N ILE A 327 16.97 -10.91 -22.38
CA ILE A 327 16.45 -12.09 -21.69
C ILE A 327 15.51 -11.69 -20.55
N SER A 328 15.77 -10.55 -19.87
CA SER A 328 14.97 -10.09 -18.68
C SER A 328 13.56 -9.71 -19.13
N VAL A 329 13.47 -8.96 -20.24
CA VAL A 329 12.22 -8.51 -20.90
C VAL A 329 11.30 -9.71 -21.22
N THR A 330 11.91 -10.75 -21.82
CA THR A 330 11.23 -12.03 -22.16
C THR A 330 10.70 -12.73 -20.90
N ARG A 331 11.59 -12.96 -19.93
CA ARG A 331 11.24 -13.65 -18.66
C ARG A 331 10.08 -12.88 -17.99
N LYS A 332 10.19 -11.55 -17.98
CA LYS A 332 9.21 -10.62 -17.35
C LYS A 332 7.85 -10.76 -18.04
N GLY A 333 7.90 -10.77 -19.39
CA GLY A 333 6.73 -10.88 -20.28
C GLY A 333 5.92 -12.15 -20.07
N THR A 334 6.57 -13.27 -19.70
CA THR A 334 5.88 -14.56 -19.44
C THR A 334 5.10 -14.55 -18.12
N GLN A 335 5.37 -13.58 -17.23
CA GLN A 335 4.84 -13.58 -15.85
C GLN A 335 3.57 -12.70 -15.71
N LEU A 336 3.49 -11.60 -16.48
CA LEU A 336 2.58 -10.45 -16.17
C LEU A 336 1.28 -10.52 -17.00
N ARG B 23 3.11 -16.62 14.42
CA ARG B 23 1.66 -16.27 14.28
C ARG B 23 1.43 -14.89 14.92
N ALA B 24 1.00 -13.90 14.12
CA ALA B 24 0.50 -12.62 14.66
C ALA B 24 -0.93 -12.77 15.23
N ARG B 25 -1.73 -13.69 14.67
CA ARG B 25 -3.16 -13.79 15.02
C ARG B 25 -3.32 -14.37 16.42
N ASN B 26 -4.39 -13.96 17.10
CA ASN B 26 -4.83 -14.55 18.31
C ASN B 26 -5.08 -16.06 18.11
N VAL B 27 -5.11 -16.77 19.23
CA VAL B 27 -5.42 -18.22 19.28
C VAL B 27 -6.61 -18.40 20.23
N ARG B 28 -7.63 -19.15 19.81
CA ARG B 28 -8.79 -19.41 20.70
C ARG B 28 -8.40 -20.47 21.76
N SER B 29 -9.13 -20.52 22.88
CA SER B 29 -8.95 -21.59 23.90
C SER B 29 -10.06 -22.64 23.69
N HIS B 30 -9.80 -23.90 24.05
CA HIS B 30 -10.75 -25.01 23.85
C HIS B 30 -11.99 -24.88 24.75
N THR B 31 -11.93 -23.99 25.74
CA THR B 31 -12.99 -23.78 26.71
C THR B 31 -13.96 -22.67 26.24
N GLY B 32 -13.58 -21.95 25.16
CA GLY B 32 -14.32 -20.77 24.68
C GLY B 32 -14.20 -19.60 25.65
N GLU B 33 -13.07 -19.57 26.37
CA GLU B 33 -12.78 -18.55 27.41
C GLU B 33 -12.88 -17.13 26.82
N TYR B 34 -12.54 -16.97 25.54
CA TYR B 34 -12.31 -15.64 24.90
C TYR B 34 -13.25 -15.43 23.72
N ALA B 35 -14.31 -16.24 23.64
CA ALA B 35 -15.30 -16.14 22.58
C ALA B 35 -15.92 -14.75 22.61
N PRO B 36 -16.03 -14.07 21.46
CA PRO B 36 -16.50 -12.68 21.45
C PRO B 36 -18.00 -12.54 21.70
N ASP B 37 -18.42 -11.33 22.08
CA ASP B 37 -19.81 -10.94 22.18
C ASP B 37 -20.32 -10.43 20.84
N ILE B 38 -19.38 -9.88 20.03
CA ILE B 38 -19.70 -9.23 18.76
C ILE B 38 -18.77 -9.83 17.69
N LEU B 39 -19.35 -10.27 16.58
CA LEU B 39 -18.63 -10.83 15.47
C LEU B 39 -18.80 -9.89 14.30
N VAL B 40 -17.70 -9.48 13.66
CA VAL B 40 -17.77 -8.69 12.46
C VAL B 40 -17.20 -9.49 11.30
N VAL B 41 -18.01 -9.64 10.27
CA VAL B 41 -17.68 -10.42 9.09
C VAL B 41 -17.69 -9.45 7.92
N GLY B 42 -16.50 -9.02 7.49
CA GLY B 42 -16.41 -7.93 6.52
C GLY B 42 -14.97 -7.72 6.07
N SER B 43 -14.73 -6.53 5.54
CA SER B 43 -13.55 -6.18 4.79
C SER B 43 -12.48 -5.60 5.71
N CYS B 44 -11.24 -5.87 5.34
CA CYS B 44 -10.02 -5.15 5.80
C CYS B 44 -9.22 -4.67 4.58
N PHE B 45 -9.10 -3.34 4.44
CA PHE B 45 -8.39 -2.71 3.37
C PHE B 45 -7.30 -1.80 3.96
N LEU B 46 -6.07 -1.91 3.45
CA LEU B 46 -5.09 -0.88 3.73
C LEU B 46 -5.39 0.36 2.87
N ASP B 47 -5.26 1.56 3.47
CA ASP B 47 -5.45 2.76 2.77
C ASP B 47 -4.10 3.36 2.46
N TYR B 48 -3.76 3.42 1.18
CA TYR B 48 -2.57 4.03 0.71
C TYR B 48 -2.91 5.46 0.23
N VAL B 49 -2.54 6.46 1.03
CA VAL B 49 -3.06 7.80 0.79
C VAL B 49 -1.94 8.68 0.27
N GLY B 50 -2.02 9.06 -1.01
CA GLY B 50 -1.06 9.96 -1.62
C GLY B 50 -1.64 11.36 -1.76
N TYR B 51 -1.02 12.33 -1.07
CA TYR B 51 -1.39 13.75 -1.17
C TYR B 51 -0.62 14.34 -2.36
N VAL B 52 -1.34 15.06 -3.22
CA VAL B 52 -0.78 15.50 -4.49
C VAL B 52 -1.17 16.97 -4.71
N ASP B 53 -0.28 17.69 -5.39
CA ASP B 53 -0.49 19.09 -5.80
C ASP B 53 -1.72 19.24 -6.69
N HIS B 54 -1.96 18.22 -7.50
CA HIS B 54 -3.05 18.18 -8.45
C HIS B 54 -3.26 16.70 -8.80
N MET B 55 -4.42 16.39 -9.38
CA MET B 55 -4.71 15.03 -9.78
C MET B 55 -3.86 14.70 -10.99
N PRO B 56 -3.27 13.49 -11.08
CA PRO B 56 -2.50 13.14 -12.25
C PRO B 56 -3.39 13.13 -13.49
N GLN B 57 -2.85 13.65 -14.59
CA GLN B 57 -3.53 13.62 -15.86
C GLN B 57 -3.09 12.35 -16.60
N VAL B 58 -3.79 12.01 -17.69
CA VAL B 58 -3.46 10.78 -18.40
C VAL B 58 -1.99 10.88 -18.84
N GLY B 59 -1.24 9.81 -18.64
CA GLY B 59 0.20 9.78 -18.97
C GLY B 59 1.07 10.55 -18.00
N GLU B 60 0.53 11.12 -16.93
CA GLU B 60 1.39 11.87 -15.98
C GLU B 60 2.06 10.93 -14.96
N THR B 61 3.37 11.15 -14.76
CA THR B 61 4.09 10.70 -13.59
C THR B 61 4.32 11.89 -12.67
N MET B 62 3.90 11.81 -11.40
CA MET B 62 4.21 12.88 -10.46
C MET B 62 4.74 12.29 -9.14
N HIS B 63 5.23 13.17 -8.27
CA HIS B 63 5.56 12.82 -6.90
C HIS B 63 4.42 13.31 -6.01
N SER B 64 4.18 12.60 -4.92
CA SER B 64 3.31 13.05 -3.89
C SER B 64 3.97 14.21 -3.14
N VAL B 65 3.17 15.00 -2.44
CA VAL B 65 3.69 15.99 -1.50
C VAL B 65 3.99 15.27 -0.18
N SER B 66 3.13 14.30 0.18
CA SER B 66 3.29 13.43 1.32
C SER B 66 2.41 12.20 1.14
N PHE B 67 2.55 11.28 2.07
CA PHE B 67 1.92 9.97 2.00
C PHE B 67 1.47 9.60 3.41
N HIS B 68 0.35 8.89 3.53
CA HIS B 68 -0.11 8.42 4.80
C HIS B 68 -0.60 6.99 4.61
N LYS B 69 -0.16 6.06 5.46
CA LYS B 69 -0.66 4.68 5.45
C LYS B 69 -1.73 4.53 6.53
N GLY B 70 -2.94 4.13 6.14
CA GLY B 70 -4.00 3.95 7.13
C GLY B 70 -4.66 2.59 7.04
N PHE B 71 -5.46 2.30 8.06
CA PHE B 71 -6.14 1.03 8.16
C PHE B 71 -7.64 1.25 7.95
N GLY B 72 -8.16 0.68 6.88
CA GLY B 72 -9.55 0.93 6.47
C GLY B 72 -10.26 -0.36 6.12
N GLY B 73 -11.26 -0.26 5.26
CA GLY B 73 -12.25 -1.31 5.13
C GLY B 73 -13.36 -1.09 6.14
N LYS B 74 -14.63 -1.15 5.69
CA LYS B 74 -15.76 -0.85 6.55
C LYS B 74 -15.91 -1.89 7.65
N GLY B 75 -15.60 -3.16 7.34
CA GLY B 75 -15.62 -4.20 8.34
C GLY B 75 -14.68 -3.88 9.49
N ALA B 76 -13.40 -3.75 9.18
CA ALA B 76 -12.39 -3.43 10.23
C ALA B 76 -12.75 -2.13 10.95
N ASN B 77 -13.19 -1.10 10.20
CA ASN B 77 -13.53 0.19 10.81
C ASN B 77 -14.58 -0.02 11.91
N GLN B 78 -15.62 -0.79 11.59
CA GLN B 78 -16.72 -1.00 12.51
C GLN B 78 -16.26 -1.82 13.71
N ALA B 79 -15.43 -2.86 13.45
CA ALA B 79 -14.88 -3.65 14.54
C ALA B 79 -14.00 -2.78 15.47
N VAL B 80 -13.16 -1.95 14.86
CA VAL B 80 -12.24 -1.12 15.60
C VAL B 80 -13.01 -0.05 16.41
N ALA B 81 -14.08 0.54 15.83
CA ALA B 81 -14.93 1.48 16.60
C ALA B 81 -15.38 0.80 17.91
N ALA B 82 -15.86 -0.44 17.79
CA ALA B 82 -16.38 -1.18 18.91
C ALA B 82 -15.24 -1.58 19.85
N GLY B 83 -14.15 -2.09 19.25
CA GLY B 83 -13.01 -2.51 20.05
C GLY B 83 -12.44 -1.39 20.90
N ARG B 84 -12.33 -0.22 20.32
CA ARG B 84 -11.77 0.92 21.01
C ARG B 84 -12.62 1.29 22.25
N LEU B 85 -13.94 1.02 22.23
CA LEU B 85 -14.84 1.33 23.37
C LEU B 85 -14.80 0.20 24.40
N GLY B 86 -14.11 -0.90 24.09
CA GLY B 86 -13.92 -2.00 25.02
C GLY B 86 -14.67 -3.27 24.66
N ALA B 87 -15.31 -3.30 23.48
CA ALA B 87 -16.09 -4.46 23.01
C ALA B 87 -15.25 -5.73 22.97
N LYS B 88 -15.90 -6.85 23.31
CA LYS B 88 -15.36 -8.14 23.08
C LYS B 88 -15.74 -8.52 21.66
N VAL B 89 -14.95 -8.00 20.72
CA VAL B 89 -15.27 -8.07 19.33
C VAL B 89 -14.20 -8.93 18.64
N ALA B 90 -14.61 -9.71 17.64
CA ALA B 90 -13.69 -10.46 16.77
C ALA B 90 -13.95 -10.12 15.29
N MET B 91 -12.88 -9.99 14.52
CA MET B 91 -12.93 -9.74 13.08
C MET B 91 -12.80 -11.05 12.32
N VAL B 92 -13.76 -11.31 11.43
CA VAL B 92 -13.63 -12.41 10.47
C VAL B 92 -13.49 -11.80 9.08
N SER B 93 -12.36 -12.08 8.43
CA SER B 93 -12.07 -11.49 7.14
C SER B 93 -10.99 -12.33 6.44
N MET B 94 -10.53 -11.80 5.31
CA MET B 94 -9.46 -12.42 4.56
CA MET B 94 -9.50 -12.40 4.48
C MET B 94 -8.43 -11.34 4.20
N VAL B 95 -7.19 -11.67 4.52
CA VAL B 95 -6.04 -10.82 4.18
C VAL B 95 -4.95 -11.71 3.54
N GLY B 96 -3.87 -11.07 3.12
CA GLY B 96 -2.71 -11.73 2.52
C GLY B 96 -1.83 -12.37 3.60
N THR B 97 -0.91 -13.24 3.16
CA THR B 97 0.25 -13.64 3.96
C THR B 97 1.32 -12.54 3.93
N ASP B 98 1.09 -11.46 3.17
CA ASP B 98 2.05 -10.38 3.04
C ASP B 98 2.19 -9.55 4.33
N GLY B 99 3.16 -8.61 4.31
CA GLY B 99 3.38 -7.70 5.42
C GLY B 99 2.18 -6.82 5.77
N ASP B 100 1.40 -6.43 4.77
CA ASP B 100 0.20 -5.62 4.99
C ASP B 100 -0.79 -6.40 5.85
N GLY B 101 -0.96 -7.67 5.50
CA GLY B 101 -1.79 -8.59 6.28
C GLY B 101 -1.37 -8.67 7.75
N SER B 102 -0.07 -8.88 7.96
CA SER B 102 0.48 -9.03 9.30
C SER B 102 0.32 -7.71 10.08
N ASP B 103 0.53 -6.59 9.39
CA ASP B 103 0.36 -5.29 9.99
C ASP B 103 -1.11 -5.08 10.42
N TYR B 104 -2.07 -5.48 9.58
CA TYR B 104 -3.49 -5.31 9.94
C TYR B 104 -3.81 -6.21 11.14
N ILE B 105 -3.34 -7.44 11.12
CA ILE B 105 -3.66 -8.33 12.21
C ILE B 105 -3.15 -7.77 13.55
N LYS B 106 -1.92 -7.27 13.60
CA LYS B 106 -1.41 -6.60 14.80
C LYS B 106 -2.21 -5.34 15.18
N GLU B 107 -2.55 -4.52 14.18
CA GLU B 107 -3.29 -3.26 14.39
C GLU B 107 -4.65 -3.57 15.03
N LEU B 108 -5.30 -4.64 14.57
CA LEU B 108 -6.60 -4.99 15.09
C LEU B 108 -6.48 -5.32 16.58
N GLU B 109 -5.44 -6.09 16.95
CA GLU B 109 -5.25 -6.47 18.34
C GLU B 109 -5.05 -5.21 19.17
N ARG B 110 -4.29 -4.25 18.63
CA ARG B 110 -3.97 -2.99 19.34
C ARG B 110 -5.20 -2.09 19.48
N ASN B 111 -6.30 -2.44 18.82
CA ASN B 111 -7.56 -1.70 18.89
C ASN B 111 -8.65 -2.56 19.53
N GLY B 112 -8.23 -3.64 20.19
CA GLY B 112 -9.12 -4.49 21.01
C GLY B 112 -9.99 -5.43 20.19
N VAL B 113 -9.51 -5.91 19.04
CA VAL B 113 -10.22 -6.77 18.17
C VAL B 113 -9.49 -8.11 18.10
N ASP B 114 -10.21 -9.21 18.36
CA ASP B 114 -9.67 -10.54 18.31
C ASP B 114 -9.52 -10.95 16.84
N THR B 115 -8.38 -11.57 16.51
CA THR B 115 -8.04 -11.85 15.14
C THR B 115 -7.91 -13.35 14.90
N ALA B 116 -8.46 -14.18 15.81
CA ALA B 116 -8.33 -15.62 15.68
C ALA B 116 -8.91 -16.11 14.36
N TYR B 117 -9.95 -15.45 13.85
CA TYR B 117 -10.64 -15.90 12.61
C TYR B 117 -10.35 -15.01 11.42
N MET B 118 -9.20 -14.32 11.46
CA MET B 118 -8.70 -13.71 10.30
C MET B 118 -8.07 -14.80 9.44
N PHE B 119 -8.51 -14.92 8.18
CA PHE B 119 -7.96 -15.92 7.26
C PHE B 119 -6.87 -15.28 6.41
N ARG B 120 -5.87 -16.07 6.04
CA ARG B 120 -4.77 -15.54 5.24
C ARG B 120 -4.63 -16.38 3.97
N THR B 121 -4.38 -15.72 2.85
CA THR B 121 -4.09 -16.40 1.61
C THR B 121 -2.74 -15.91 1.09
N GLY B 122 -1.90 -16.85 0.64
CA GLY B 122 -0.66 -16.51 -0.05
C GLY B 122 -0.83 -16.22 -1.52
N LYS B 123 -2.05 -16.39 -2.04
CA LYS B 123 -2.29 -16.28 -3.49
C LYS B 123 -2.77 -14.87 -3.87
N SER B 124 -3.00 -14.00 -2.87
CA SER B 124 -3.47 -12.63 -3.09
C SER B 124 -2.77 -11.70 -2.09
N SER B 125 -2.64 -10.45 -2.49
CA SER B 125 -2.20 -9.40 -1.59
C SER B 125 -3.39 -9.05 -0.67
N THR B 126 -3.09 -8.37 0.45
CA THR B 126 -4.12 -7.78 1.26
C THR B 126 -4.86 -6.74 0.43
N GLY B 127 -6.17 -6.65 0.67
CA GLY B 127 -7.03 -5.64 0.08
C GLY B 127 -6.53 -4.24 0.43
N LEU B 128 -6.65 -3.32 -0.52
CA LEU B 128 -6.18 -2.00 -0.32
C LEU B 128 -6.98 -1.03 -1.19
N ALA B 129 -6.96 0.22 -0.74
CA ALA B 129 -7.46 1.34 -1.46
C ALA B 129 -6.30 2.29 -1.76
N MET B 130 -6.15 2.62 -3.06
CA MET B 130 -5.21 3.64 -3.49
CA MET B 130 -5.21 3.64 -3.52
C MET B 130 -5.96 4.97 -3.60
N ILE B 131 -5.55 5.94 -2.76
CA ILE B 131 -6.35 7.14 -2.55
C ILE B 131 -5.47 8.35 -2.83
N LEU B 132 -5.91 9.18 -3.76
CA LEU B 132 -5.20 10.42 -4.04
C LEU B 132 -6.01 11.58 -3.47
N VAL B 133 -5.33 12.47 -2.76
CA VAL B 133 -5.96 13.64 -2.12
C VAL B 133 -5.28 14.90 -2.64
N ASP B 134 -6.08 15.78 -3.25
CA ASP B 134 -5.60 17.06 -3.76
C ASP B 134 -5.52 18.01 -2.58
N THR B 135 -4.35 18.61 -2.41
CA THR B 135 -4.00 19.40 -1.21
C THR B 135 -4.85 20.69 -1.16
N LYS B 136 -5.22 21.21 -2.33
CA LYS B 136 -5.83 22.53 -2.44
C LYS B 136 -7.34 22.39 -2.49
N SER B 137 -7.80 21.58 -3.46
CA SER B 137 -9.21 21.38 -3.73
C SER B 137 -9.83 20.39 -2.74
N SER B 138 -8.99 19.68 -1.98
CA SER B 138 -9.40 18.70 -0.96
C SER B 138 -10.22 17.52 -1.54
N ASN B 139 -10.42 17.45 -2.87
CA ASN B 139 -11.08 16.31 -3.55
C ASN B 139 -10.17 15.08 -3.59
N ASN B 140 -10.80 13.92 -3.88
CA ASN B 140 -10.18 12.58 -3.83
C ASN B 140 -10.43 11.87 -5.17
N GLU B 141 -9.53 10.94 -5.48
CA GLU B 141 -9.74 9.89 -6.45
C GLU B 141 -9.33 8.59 -5.76
N ILE B 142 -10.15 7.54 -5.88
CA ILE B 142 -9.98 6.31 -5.11
C ILE B 142 -10.21 5.10 -6.01
N VAL B 143 -9.23 4.20 -6.03
CA VAL B 143 -9.31 2.93 -6.76
C VAL B 143 -9.22 1.82 -5.73
N ILE B 144 -10.30 1.05 -5.59
CA ILE B 144 -10.33 -0.02 -4.58
C ILE B 144 -9.82 -1.29 -5.25
N CYS B 145 -8.94 -2.00 -4.54
CA CYS B 145 -8.30 -3.22 -4.99
C CYS B 145 -8.58 -4.32 -3.97
N PRO B 146 -9.73 -4.99 -4.05
CA PRO B 146 -10.17 -5.86 -2.95
C PRO B 146 -9.20 -7.01 -2.68
N ASN B 147 -8.51 -7.45 -3.74
CA ASN B 147 -7.44 -8.43 -3.69
C ASN B 147 -7.96 -9.66 -2.95
N ALA B 148 -7.34 -10.05 -1.81
CA ALA B 148 -7.70 -11.28 -1.08
C ALA B 148 -9.19 -11.34 -0.75
N THR B 149 -9.81 -10.16 -0.55
CA THR B 149 -11.18 -10.05 -0.18
C THR B 149 -12.10 -10.79 -1.17
N ASN B 150 -11.73 -10.78 -2.44
CA ASN B 150 -12.52 -11.41 -3.53
C ASN B 150 -12.67 -12.92 -3.31
N HIS B 151 -11.77 -13.51 -2.51
CA HIS B 151 -11.76 -14.94 -2.26
C HIS B 151 -12.43 -15.30 -0.93
N PHE B 152 -13.07 -14.31 -0.27
CA PHE B 152 -13.71 -14.50 1.01
C PHE B 152 -15.15 -14.95 0.77
N THR B 153 -15.30 -16.24 0.45
CA THR B 153 -16.53 -16.78 -0.09
C THR B 153 -17.24 -17.55 1.00
N PRO B 154 -18.54 -17.88 0.85
CA PRO B 154 -19.23 -18.72 1.81
C PRO B 154 -18.57 -20.08 1.93
N GLU B 155 -18.11 -20.63 0.80
CA GLU B 155 -17.63 -21.98 0.74
C GLU B 155 -16.31 -22.04 1.53
N LEU B 156 -15.48 -21.01 1.37
CA LEU B 156 -14.23 -20.96 2.11
CA LEU B 156 -14.21 -20.88 2.10
C LEU B 156 -14.51 -20.74 3.59
N LEU B 157 -15.41 -19.80 3.90
CA LEU B 157 -15.76 -19.51 5.29
C LEU B 157 -16.23 -20.81 5.97
N ARG B 158 -17.13 -21.52 5.29
CA ARG B 158 -17.67 -22.79 5.79
C ARG B 158 -16.55 -23.80 6.04
N ALA B 159 -15.64 -23.93 5.07
CA ALA B 159 -14.56 -24.91 5.12
C ALA B 159 -13.61 -24.64 6.31
N GLN B 160 -13.43 -23.37 6.67
CA GLN B 160 -12.52 -22.98 7.73
C GLN B 160 -13.23 -22.88 9.09
N THR B 161 -14.55 -23.00 9.15
CA THR B 161 -15.26 -22.79 10.43
C THR B 161 -16.19 -23.97 10.77
N ASN B 162 -16.07 -25.10 10.07
CA ASN B 162 -16.93 -26.25 10.36
C ASN B 162 -18.39 -25.87 10.13
N ASN B 163 -18.67 -25.27 8.97
CA ASN B 163 -20.00 -24.79 8.62
C ASN B 163 -20.48 -23.77 9.66
N TYR B 164 -19.66 -22.77 9.96
CA TYR B 164 -20.01 -21.64 10.80
C TYR B 164 -19.97 -22.01 12.28
N GLU B 165 -19.88 -23.29 12.64
CA GLU B 165 -19.89 -23.71 14.04
C GLU B 165 -18.80 -22.97 14.84
N ARG B 166 -17.60 -22.87 14.27
CA ARG B 166 -16.49 -22.31 15.02
C ARG B 166 -16.68 -20.81 15.30
N ILE B 167 -17.42 -20.09 14.45
CA ILE B 167 -17.50 -18.63 14.65
C ILE B 167 -18.85 -18.25 15.25
N LEU B 168 -19.81 -19.16 15.26
CA LEU B 168 -21.14 -18.81 15.78
C LEU B 168 -21.43 -19.63 17.05
N HIS B 169 -20.63 -19.43 18.11
CA HIS B 169 -20.82 -20.14 19.39
CA HIS B 169 -20.80 -20.14 19.40
C HIS B 169 -22.04 -19.57 20.11
N THR B 170 -22.58 -20.34 21.07
CA THR B 170 -23.86 -20.06 21.75
C THR B 170 -23.97 -18.65 22.31
N GLY B 171 -22.95 -18.25 23.08
CA GLY B 171 -22.95 -16.92 23.73
C GLY B 171 -22.82 -15.74 22.77
N LEU B 172 -22.70 -15.96 21.46
CA LEU B 172 -22.48 -14.84 20.53
C LEU B 172 -23.77 -14.03 20.44
N LYS B 173 -23.68 -12.71 20.66
CA LYS B 173 -24.83 -11.88 20.81
C LYS B 173 -25.12 -11.05 19.55
N TYR B 174 -24.07 -10.60 18.85
CA TYR B 174 -24.18 -9.64 17.76
C TYR B 174 -23.29 -10.09 16.58
N LEU B 175 -23.84 -9.98 15.37
CA LEU B 175 -23.08 -10.06 14.12
C LEU B 175 -23.21 -8.72 13.40
N ILE B 176 -22.11 -8.21 12.87
CA ILE B 176 -22.15 -7.03 12.03
C ILE B 176 -21.59 -7.37 10.64
N CYS B 177 -22.37 -7.02 9.60
CA CYS B 177 -21.95 -7.15 8.21
C CYS B 177 -22.16 -5.83 7.49
N GLN B 178 -21.35 -5.64 6.45
CA GLN B 178 -21.50 -4.55 5.52
C GLN B 178 -21.68 -5.15 4.12
N ASN B 179 -21.33 -4.37 3.10
CA ASN B 179 -21.45 -4.82 1.72
C ASN B 179 -20.14 -4.63 0.97
N GLU B 180 -19.00 -4.99 1.59
CA GLU B 180 -17.68 -4.76 1.02
C GLU B 180 -16.86 -6.07 0.95
N ILE B 181 -17.55 -7.20 1.00
CA ILE B 181 -17.05 -8.54 0.71
C ILE B 181 -18.01 -9.17 -0.30
N PRO B 182 -17.73 -10.37 -0.81
CA PRO B 182 -18.71 -11.01 -1.69
C PRO B 182 -20.08 -11.11 -1.02
N LEU B 183 -21.09 -10.56 -1.71
CA LEU B 183 -22.47 -10.53 -1.14
C LEU B 183 -22.92 -11.88 -0.57
N PRO B 184 -22.68 -13.03 -1.24
CA PRO B 184 -23.08 -14.31 -0.66
C PRO B 184 -22.51 -14.63 0.74
N THR B 185 -21.28 -14.19 0.99
CA THR B 185 -20.66 -14.38 2.30
C THR B 185 -21.47 -13.60 3.35
N THR B 186 -21.80 -12.36 3.02
CA THR B 186 -22.59 -11.48 3.88
C THR B 186 -23.99 -12.08 4.15
N LEU B 187 -24.68 -12.44 3.07
CA LEU B 187 -26.08 -12.93 3.22
C LEU B 187 -26.12 -14.29 3.93
N ASP B 188 -25.21 -15.21 3.56
CA ASP B 188 -25.22 -16.53 4.14
C ASP B 188 -24.88 -16.47 5.63
N THR B 189 -23.94 -15.58 5.98
CA THR B 189 -23.57 -15.43 7.36
C THR B 189 -24.73 -14.82 8.18
N ILE B 190 -25.39 -13.80 7.65
CA ILE B 190 -26.52 -13.18 8.33
C ILE B 190 -27.61 -14.25 8.59
N LYS B 191 -27.92 -15.05 7.57
CA LYS B 191 -28.95 -16.09 7.70
C LYS B 191 -28.56 -17.11 8.79
N GLU B 192 -27.33 -17.64 8.73
CA GLU B 192 -26.90 -18.64 9.69
C GLU B 192 -26.85 -18.10 11.11
N ALA B 193 -26.39 -16.85 11.24
CA ALA B 193 -26.32 -16.25 12.54
C ALA B 193 -27.75 -16.09 13.08
N HIS B 194 -28.66 -15.57 12.24
CA HIS B 194 -30.00 -15.26 12.65
C HIS B 194 -30.72 -16.53 13.10
N SER B 195 -30.44 -17.65 12.45
CA SER B 195 -31.08 -18.92 12.73
C SER B 195 -30.62 -19.46 14.08
N ARG B 196 -29.47 -18.97 14.58
CA ARG B 196 -28.96 -19.40 15.89
C ARG B 196 -29.36 -18.39 16.97
N GLY B 197 -30.17 -17.39 16.60
CA GLY B 197 -30.66 -16.42 17.57
C GLY B 197 -29.69 -15.30 17.84
N VAL B 198 -28.67 -15.13 16.98
CA VAL B 198 -27.77 -13.96 17.08
C VAL B 198 -28.51 -12.75 16.51
N TYR B 199 -28.28 -11.58 17.14
CA TYR B 199 -28.83 -10.34 16.65
C TYR B 199 -27.94 -9.82 15.50
N THR B 200 -28.51 -9.79 14.29
CA THR B 200 -27.75 -9.51 13.07
C THR B 200 -27.92 -8.06 12.66
N VAL B 201 -26.78 -7.40 12.43
CA VAL B 201 -26.76 -6.02 12.03
C VAL B 201 -26.21 -5.92 10.62
N PHE B 202 -26.95 -5.27 9.72
CA PHE B 202 -26.51 -5.21 8.32
C PHE B 202 -26.55 -3.75 7.88
N ASN B 203 -25.35 -3.21 7.62
CA ASN B 203 -25.12 -1.90 7.10
C ASN B 203 -24.78 -2.03 5.62
N SER B 204 -25.71 -1.74 4.72
CA SER B 204 -25.55 -2.07 3.28
C SER B 204 -24.72 -0.98 2.58
N ALA B 205 -23.44 -0.93 2.95
CA ALA B 205 -22.49 0.03 2.48
C ALA B 205 -21.20 -0.70 2.04
N PRO B 206 -20.64 -0.34 0.85
CA PRO B 206 -21.23 0.65 -0.05
C PRO B 206 -22.60 0.26 -0.61
N ALA B 207 -23.30 1.28 -1.12
CA ALA B 207 -24.66 1.17 -1.65
C ALA B 207 -24.75 -0.05 -2.56
N PRO B 208 -25.75 -0.92 -2.34
CA PRO B 208 -25.95 -2.08 -3.19
C PRO B 208 -26.31 -1.73 -4.64
N LYS B 209 -25.74 -2.48 -5.58
CA LYS B 209 -26.02 -2.32 -6.99
C LYS B 209 -27.32 -3.04 -7.31
N PRO B 210 -27.96 -2.71 -8.45
CA PRO B 210 -29.30 -3.22 -8.72
C PRO B 210 -29.42 -4.74 -8.52
N ALA B 211 -28.45 -5.52 -9.03
CA ALA B 211 -28.48 -6.99 -8.89
C ALA B 211 -28.31 -7.41 -7.41
N GLU B 212 -27.62 -6.57 -6.65
CA GLU B 212 -27.43 -6.82 -5.21
C GLU B 212 -28.75 -6.62 -4.46
N VAL B 213 -29.50 -5.57 -4.84
CA VAL B 213 -30.78 -5.27 -4.20
C VAL B 213 -31.71 -6.49 -4.28
N GLU B 214 -31.81 -7.10 -5.47
CA GLU B 214 -32.68 -8.28 -5.66
C GLU B 214 -32.22 -9.45 -4.78
N GLN B 215 -30.90 -9.66 -4.68
CA GLN B 215 -30.37 -10.76 -3.85
C GLN B 215 -30.65 -10.48 -2.36
N ILE B 216 -30.56 -9.22 -1.95
CA ILE B 216 -30.61 -8.84 -0.52
C ILE B 216 -32.04 -8.99 0.03
N LYS B 217 -33.01 -8.53 -0.73
CA LYS B 217 -34.41 -8.37 -0.22
C LYS B 217 -34.93 -9.66 0.39
N PRO B 218 -34.77 -10.82 -0.27
CA PRO B 218 -35.15 -12.10 0.32
C PRO B 218 -34.48 -12.41 1.66
N PHE B 219 -33.34 -11.76 1.97
CA PHE B 219 -32.64 -12.07 3.23
C PHE B 219 -33.04 -11.12 4.37
N LEU B 220 -33.83 -10.08 4.08
CA LEU B 220 -34.13 -9.04 5.05
C LEU B 220 -34.84 -9.59 6.28
N PRO B 221 -35.72 -10.62 6.18
CA PRO B 221 -36.27 -11.29 7.36
C PRO B 221 -35.23 -11.87 8.33
N TYR B 222 -33.99 -12.07 7.86
CA TYR B 222 -32.91 -12.59 8.75
C TYR B 222 -32.09 -11.44 9.33
N VAL B 223 -32.44 -10.19 9.02
CA VAL B 223 -31.73 -9.02 9.50
C VAL B 223 -32.47 -8.44 10.73
N SER B 224 -31.82 -8.47 11.89
CA SER B 224 -32.37 -7.91 13.15
C SER B 224 -32.37 -6.39 13.06
N LEU B 225 -31.26 -5.80 12.59
CA LEU B 225 -31.15 -4.40 12.49
C LEU B 225 -30.57 -4.05 11.13
N PHE B 226 -31.35 -3.30 10.34
CA PHE B 226 -30.90 -2.81 9.05
C PHE B 226 -30.60 -1.34 9.25
N CYS B 227 -29.35 -0.91 8.98
CA CYS B 227 -28.91 0.47 9.25
CA CYS B 227 -28.93 0.48 9.24
C CYS B 227 -28.36 1.11 7.99
N PRO B 228 -29.22 1.43 6.98
CA PRO B 228 -28.79 2.08 5.76
C PRO B 228 -28.72 3.60 5.93
N ASN B 229 -28.05 4.24 4.95
CA ASN B 229 -28.18 5.68 4.77
C ASN B 229 -29.41 5.92 3.88
N GLU B 230 -29.57 7.18 3.46
CA GLU B 230 -30.76 7.57 2.66
C GLU B 230 -30.76 6.85 1.30
N VAL B 231 -29.70 7.08 0.52
CA VAL B 231 -29.50 6.41 -0.78
C VAL B 231 -29.79 4.91 -0.64
N GLU B 232 -29.14 4.25 0.33
CA GLU B 232 -29.22 2.78 0.47
C GLU B 232 -30.66 2.36 0.80
N ALA B 233 -31.31 3.12 1.70
CA ALA B 233 -32.73 2.85 2.06
C ALA B 233 -33.62 2.97 0.82
N THR B 234 -33.29 3.95 -0.04
CA THR B 234 -34.06 4.23 -1.27
C THR B 234 -33.98 3.01 -2.20
N LEU B 235 -32.74 2.55 -2.43
CA LEU B 235 -32.46 1.45 -3.34
C LEU B 235 -33.19 0.18 -2.91
N ILE B 236 -33.27 -0.05 -1.59
CA ILE B 236 -33.87 -1.27 -1.07
C ILE B 236 -35.40 -1.16 -1.09
N THR B 237 -35.96 0.00 -0.74
CA THR B 237 -37.39 0.05 -0.35
C THR B 237 -38.28 0.45 -1.53
N GLY B 238 -37.76 1.29 -2.42
CA GLY B 238 -38.54 1.92 -3.45
C GLY B 238 -39.01 3.30 -3.03
N VAL B 239 -38.94 3.58 -1.72
CA VAL B 239 -39.28 4.86 -1.15
C VAL B 239 -38.09 5.80 -1.38
N LYS B 240 -38.35 7.01 -1.88
CA LYS B 240 -37.28 7.92 -2.25
C LYS B 240 -36.63 8.49 -0.96
N ASP B 243 -35.48 13.07 3.65
CA ASP B 243 -36.02 13.83 4.80
C ASP B 243 -36.68 12.88 5.82
N THR B 244 -37.21 13.48 6.90
CA THR B 244 -37.63 12.72 8.07
C THR B 244 -38.87 11.87 7.74
N GLU B 245 -39.84 12.45 7.04
CA GLU B 245 -41.15 11.78 6.89
C GLU B 245 -41.05 10.65 5.85
N SER B 246 -40.28 10.84 4.77
CA SER B 246 -40.07 9.74 3.81
C SER B 246 -39.20 8.64 4.46
N ALA B 247 -38.26 9.05 5.31
CA ALA B 247 -37.44 8.09 6.05
C ALA B 247 -38.35 7.22 6.91
N PHE B 248 -39.35 7.84 7.54
CA PHE B 248 -40.30 7.10 8.36
C PHE B 248 -41.05 6.07 7.52
N SER B 249 -41.35 6.39 6.25
CA SER B 249 -42.15 5.46 5.43
C SER B 249 -41.24 4.35 4.89
N ALA B 250 -39.98 4.69 4.59
CA ALA B 250 -38.92 3.70 4.30
C ALA B 250 -38.82 2.69 5.46
N ILE B 251 -38.82 3.18 6.72
CA ILE B 251 -38.80 2.29 7.90
C ILE B 251 -39.93 1.27 7.79
N LYS B 252 -41.15 1.75 7.55
CA LYS B 252 -42.31 0.86 7.41
C LYS B 252 -42.10 -0.15 6.28
N ALA B 253 -41.56 0.31 5.16
CA ALA B 253 -41.22 -0.58 3.99
C ALA B 253 -40.27 -1.72 4.43
N LEU B 254 -39.24 -1.35 5.20
CA LEU B 254 -38.24 -2.32 5.66
C LEU B 254 -38.87 -3.31 6.63
N GLN B 255 -39.76 -2.85 7.54
CA GLN B 255 -40.41 -3.74 8.51
C GLN B 255 -41.28 -4.76 7.74
N GLN B 256 -41.91 -4.29 6.67
CA GLN B 256 -42.73 -5.15 5.82
C GLN B 256 -41.86 -6.20 5.14
N LEU B 257 -40.65 -5.80 4.71
CA LEU B 257 -39.73 -6.75 4.06
C LEU B 257 -39.16 -7.73 5.08
N GLY B 258 -39.49 -7.58 6.36
CA GLY B 258 -39.16 -8.56 7.41
C GLY B 258 -38.15 -8.02 8.43
N VAL B 259 -37.63 -6.81 8.23
CA VAL B 259 -36.58 -6.30 9.13
C VAL B 259 -37.24 -5.92 10.46
N ARG B 260 -36.68 -6.39 11.57
CA ARG B 260 -37.21 -6.15 12.91
C ARG B 260 -37.00 -4.68 13.33
N ASP B 261 -35.74 -4.28 13.55
CA ASP B 261 -35.33 -2.94 13.96
C ASP B 261 -34.69 -2.21 12.77
N VAL B 262 -34.96 -0.92 12.64
CA VAL B 262 -34.47 -0.12 11.52
C VAL B 262 -33.87 1.18 12.07
N VAL B 263 -32.71 1.55 11.52
CA VAL B 263 -32.13 2.82 11.75
C VAL B 263 -31.71 3.34 10.39
N ILE B 264 -32.19 4.52 10.01
CA ILE B 264 -31.76 5.12 8.76
C ILE B 264 -31.04 6.40 9.13
N THR B 265 -29.79 6.52 8.67
CA THR B 265 -28.95 7.68 8.98
C THR B 265 -29.20 8.69 7.86
N LEU B 266 -29.16 9.97 8.24
CA LEU B 266 -29.62 11.06 7.40
C LEU B 266 -28.50 12.09 7.21
N GLY B 267 -27.24 11.68 7.40
CA GLY B 267 -26.12 12.61 7.40
C GLY B 267 -26.26 13.67 8.49
N ALA B 268 -26.66 14.88 8.07
CA ALA B 268 -26.73 16.05 8.96
C ALA B 268 -28.08 16.10 9.70
N ALA B 269 -29.11 15.41 9.19
CA ALA B 269 -30.42 15.48 9.82
C ALA B 269 -30.52 14.43 10.93
N GLY B 270 -29.36 13.96 11.42
CA GLY B 270 -29.29 12.91 12.41
C GLY B 270 -29.74 11.57 11.82
N PHE B 271 -30.78 10.98 12.40
CA PHE B 271 -31.23 9.69 11.97
C PHE B 271 -32.63 9.40 12.53
N VAL B 272 -33.27 8.36 11.96
CA VAL B 272 -34.57 7.90 12.42
C VAL B 272 -34.44 6.43 12.76
N LEU B 273 -35.26 5.94 13.68
CA LEU B 273 -35.20 4.56 14.07
C LEU B 273 -36.57 4.09 14.51
N SER B 274 -36.80 2.78 14.39
CA SER B 274 -37.92 2.15 15.04
C SER B 274 -37.47 0.83 15.63
N GLU B 275 -37.74 0.65 16.93
CA GLU B 275 -37.51 -0.62 17.63
C GLU B 275 -38.76 -1.48 17.45
N ASN B 276 -38.58 -2.61 16.75
CA ASN B 276 -39.56 -3.65 16.64
C ASN B 276 -40.95 -3.07 16.30
N GLY B 277 -41.02 -2.13 15.35
CA GLY B 277 -42.29 -1.63 14.78
C GLY B 277 -42.97 -0.55 15.63
N ALA B 278 -42.31 -0.08 16.69
CA ALA B 278 -42.83 0.98 17.51
C ALA B 278 -42.79 2.29 16.72
N GLU B 279 -43.54 3.27 17.22
CA GLU B 279 -43.61 4.57 16.61
C GLU B 279 -42.20 5.07 16.32
N PRO B 280 -41.86 5.48 15.09
CA PRO B 280 -40.52 5.96 14.77
C PRO B 280 -40.09 7.16 15.64
N VAL B 281 -38.78 7.32 15.80
CA VAL B 281 -38.16 8.43 16.53
C VAL B 281 -37.13 9.07 15.60
N HIS B 282 -37.10 10.41 15.61
CA HIS B 282 -36.10 11.17 14.89
C HIS B 282 -35.13 11.77 15.92
N VAL B 283 -33.82 11.68 15.64
CA VAL B 283 -32.82 12.24 16.51
C VAL B 283 -31.97 13.20 15.69
N THR B 284 -31.71 14.38 16.24
CA THR B 284 -31.03 15.44 15.54
C THR B 284 -29.53 15.14 15.49
N GLY B 285 -28.86 15.63 14.44
CA GLY B 285 -27.40 15.56 14.41
C GLY B 285 -26.80 16.41 15.53
N LYS B 286 -25.67 15.96 16.10
CA LYS B 286 -24.87 16.81 16.98
C LYS B 286 -24.19 17.86 16.10
N HIS B 287 -24.49 19.13 16.33
CA HIS B 287 -23.94 20.18 15.50
C HIS B 287 -22.52 20.46 15.98
N VAL B 288 -21.54 19.98 15.19
CA VAL B 288 -20.12 20.17 15.44
C VAL B 288 -19.51 20.78 14.18
N LYS B 289 -18.25 21.19 14.27
CA LYS B 289 -17.43 21.64 13.15
C LYS B 289 -16.71 20.42 12.52
N ALA B 290 -17.28 19.86 11.43
CA ALA B 290 -16.80 18.63 10.77
C ALA B 290 -15.55 18.90 9.95
N VAL B 291 -14.37 18.48 10.45
CA VAL B 291 -13.11 18.66 9.73
C VAL B 291 -12.86 17.46 8.80
N ASP B 292 -13.09 16.22 9.24
CA ASP B 292 -13.00 15.09 8.33
C ASP B 292 -13.98 14.02 8.79
N THR B 293 -14.95 13.74 7.93
CA THR B 293 -16.02 12.78 8.21
C THR B 293 -15.67 11.36 7.73
N THR B 294 -14.48 11.14 7.17
CA THR B 294 -14.12 9.78 6.70
C THR B 294 -14.24 8.77 7.85
N GLY B 295 -15.05 7.72 7.62
CA GLY B 295 -15.23 6.60 8.52
C GLY B 295 -16.22 6.86 9.62
N ALA B 296 -16.88 8.03 9.59
CA ALA B 296 -17.77 8.40 10.67
C ALA B 296 -18.97 7.45 10.72
N GLY B 297 -19.48 7.04 9.56
CA GLY B 297 -20.61 6.08 9.48
C GLY B 297 -20.26 4.76 10.14
N ASP B 298 -19.03 4.30 9.88
CA ASP B 298 -18.49 3.10 10.48
C ASP B 298 -18.37 3.25 12.01
N CYS B 299 -17.88 4.41 12.46
CA CYS B 299 -17.85 4.75 13.87
C CYS B 299 -19.25 4.60 14.49
N PHE B 300 -20.25 5.19 13.83
CA PHE B 300 -21.67 5.13 14.32
C PHE B 300 -22.09 3.68 14.44
N VAL B 301 -21.92 2.88 13.39
CA VAL B 301 -22.43 1.49 13.44
C VAL B 301 -21.70 0.66 14.53
N GLY B 302 -20.38 0.68 14.52
CA GLY B 302 -19.62 -0.12 15.53
C GLY B 302 -19.95 0.30 16.96
N SER B 303 -20.02 1.60 17.20
CA SER B 303 -20.34 2.19 18.52
C SER B 303 -21.75 1.77 18.92
N MET B 304 -22.70 1.90 17.98
CA MET B 304 -24.10 1.48 18.24
CA MET B 304 -24.10 1.47 18.21
C MET B 304 -24.14 0.05 18.78
N VAL B 305 -23.46 -0.89 18.09
CA VAL B 305 -23.51 -2.26 18.49
C VAL B 305 -22.83 -2.45 19.86
N TYR B 306 -21.69 -1.80 20.06
CA TYR B 306 -21.02 -1.84 21.34
C TYR B 306 -22.02 -1.54 22.48
N PHE B 307 -22.75 -0.44 22.34
CA PHE B 307 -23.65 0.06 23.40
C PHE B 307 -24.81 -0.91 23.59
N MET B 308 -25.27 -1.55 22.52
CA MET B 308 -26.31 -2.56 22.63
CA MET B 308 -26.30 -2.58 22.62
C MET B 308 -25.76 -3.79 23.37
N SER B 309 -24.48 -4.14 23.13
CA SER B 309 -23.88 -5.25 23.80
C SER B 309 -23.72 -4.96 25.31
N ARG B 310 -23.66 -3.70 25.70
CA ARG B 310 -23.55 -3.34 27.13
C ARG B 310 -24.96 -3.26 27.75
N GLY B 311 -26.01 -3.44 26.94
CA GLY B 311 -27.40 -3.57 27.41
C GLY B 311 -28.29 -2.38 27.10
N ARG B 312 -27.83 -1.38 26.34
CA ARG B 312 -28.68 -0.26 25.99
C ARG B 312 -29.65 -0.70 24.90
N ASN B 313 -30.88 -0.18 24.97
CA ASN B 313 -31.85 -0.41 23.92
C ASN B 313 -31.40 0.40 22.70
N LEU B 314 -32.13 0.23 21.60
CA LEU B 314 -31.71 0.68 20.29
C LEU B 314 -31.59 2.21 20.25
N LEU B 315 -32.58 2.90 20.81
CA LEU B 315 -32.57 4.36 20.83
C LEU B 315 -31.39 4.88 21.68
N GLU B 316 -31.20 4.31 22.87
CA GLU B 316 -30.12 4.75 23.79
C GLU B 316 -28.76 4.49 23.11
N ALA B 317 -28.66 3.33 22.46
CA ALA B 317 -27.41 2.94 21.84
C ALA B 317 -27.07 3.93 20.72
N CYS B 318 -28.07 4.34 19.92
CA CYS B 318 -27.85 5.17 18.77
C CYS B 318 -27.54 6.61 19.18
N LYS B 319 -28.11 7.05 20.30
CA LYS B 319 -27.80 8.37 20.81
C LYS B 319 -26.32 8.45 21.20
N ARG B 320 -25.86 7.44 21.95
CA ARG B 320 -24.43 7.36 22.36
C ARG B 320 -23.54 7.18 21.12
N ALA B 321 -23.92 6.27 20.21
CA ALA B 321 -23.17 6.14 18.90
C ALA B 321 -23.05 7.49 18.18
N ASN B 322 -24.14 8.25 18.20
CA ASN B 322 -24.21 9.55 17.57
C ASN B 322 -23.16 10.48 18.19
N GLU B 323 -23.04 10.47 19.52
CA GLU B 323 -22.04 11.34 20.17
CA GLU B 323 -22.06 11.30 20.21
C GLU B 323 -20.64 10.90 19.77
N CYS B 324 -20.43 9.58 19.65
CA CYS B 324 -19.11 9.05 19.27
C CYS B 324 -18.76 9.48 17.84
N ALA B 325 -19.72 9.32 16.92
CA ALA B 325 -19.52 9.69 15.54
C ALA B 325 -19.20 11.18 15.44
N ALA B 326 -19.91 11.98 16.22
CA ALA B 326 -19.72 13.43 16.27
C ALA B 326 -18.27 13.76 16.67
N ILE B 327 -17.73 13.03 17.63
CA ILE B 327 -16.39 13.26 18.04
C ILE B 327 -15.45 12.88 16.88
N SER B 328 -15.73 11.79 16.19
CA SER B 328 -14.82 11.34 15.11
C SER B 328 -14.69 12.39 13.98
N VAL B 329 -15.78 13.08 13.64
CA VAL B 329 -15.77 14.02 12.48
C VAL B 329 -14.92 15.26 12.79
N THR B 330 -14.54 15.48 14.07
CA THR B 330 -13.78 16.67 14.44
C THR B 330 -12.29 16.49 14.19
N ARG B 331 -11.85 15.33 13.67
CA ARG B 331 -10.47 15.18 13.28
C ARG B 331 -10.29 14.13 12.18
N LYS B 332 -9.17 14.28 11.47
CA LYS B 332 -8.74 13.39 10.40
C LYS B 332 -8.28 12.07 11.03
N GLY B 333 -8.08 11.07 10.17
CA GLY B 333 -7.40 9.83 10.55
C GLY B 333 -8.28 8.60 10.49
N THR B 334 -9.56 8.75 10.14
CA THR B 334 -10.47 7.58 10.07
C THR B 334 -10.40 6.83 11.41
N GLN B 335 -9.83 5.61 11.46
CA GLN B 335 -9.88 4.84 12.73
C GLN B 335 -9.23 5.64 13.87
N LEU B 336 -8.16 6.38 13.56
CA LEU B 336 -7.43 7.14 14.57
C LEU B 336 -8.33 8.19 15.20
N SER B 337 -9.42 8.58 14.52
CA SER B 337 -10.31 9.64 15.05
C SER B 337 -11.38 9.01 15.92
N TYR B 338 -11.47 7.67 15.93
CA TYR B 338 -12.47 7.02 16.76
C TYR B 338 -12.06 7.13 18.22
N PRO B 339 -12.97 7.54 19.12
CA PRO B 339 -12.60 7.76 20.51
C PRO B 339 -12.33 6.48 21.30
N HIS B 340 -11.47 6.64 22.31
CA HIS B 340 -11.30 5.74 23.38
C HIS B 340 -12.11 6.26 24.57
N PRO B 341 -12.50 5.39 25.51
CA PRO B 341 -13.27 5.85 26.67
C PRO B 341 -12.70 7.06 27.42
N SER B 342 -11.40 7.05 27.72
CA SER B 342 -10.72 8.14 28.49
C SER B 342 -10.86 9.50 27.81
N GLU B 343 -11.10 9.51 26.50
CA GLU B 343 -11.14 10.75 25.75
C GLU B 343 -12.55 11.33 25.75
N LEU B 344 -13.54 10.51 26.14
CA LEU B 344 -14.93 10.87 25.92
C LEU B 344 -15.38 11.82 27.01
N PRO B 345 -16.23 12.79 26.70
CA PRO B 345 -16.86 13.57 27.76
C PRO B 345 -17.77 12.65 28.59
N ALA B 346 -17.95 13.01 29.87
CA ALA B 346 -18.84 12.22 30.74
C ALA B 346 -20.22 12.12 30.08
N GLY B 347 -20.87 10.98 30.29
CA GLY B 347 -22.22 10.74 29.83
C GLY B 347 -22.29 10.17 28.41
N VAL B 348 -21.19 9.61 27.92
CA VAL B 348 -21.26 8.87 26.68
C VAL B 348 -21.15 7.38 26.99
N MET B 349 -20.03 6.98 27.64
CA MET B 349 -19.86 5.57 28.03
C MET B 349 -21.06 5.15 28.90
#